data_8V5I
#
_entry.id   8V5I
#
_cell.length_a   80.270
_cell.length_b   93.000
_cell.length_c   99.270
_cell.angle_alpha   90.00
_cell.angle_beta   90.00
_cell.angle_gamma   90.00
#
_symmetry.space_group_name_H-M   'P 21 21 21'
#
loop_
_entity.id
_entity.type
_entity.pdbx_description
1 polymer 'Mitogen-activated protein kinase kinase kinase kinase 4'
2 non-polymer (3M)-N~6~-(1,4-dimethyl-1H-pyrazol-3-yl)-3-(1-methyl-1H-imidazol-5-yl)-2,7-naphthyridine-1,6-diamine
#
_entity_poly.entity_id   1
_entity_poly.type   'polypeptide(L)'
_entity_poly.pdbx_seq_one_letter_code
;MANDSPAKSLVDIDLSSLRDPAGIFELVEVVGNGTYGQVYKGRHVKTGQLAAIKVMDVTEDEEEEIKLEINMLKKYSHHR
NIATYYGAFIKKSPPGHDDQLWLVMEFCGAGSITDLVKNTKGNTLKEDWIAYISREILRGLAHLHIHHVIHRDIKGQNVL
LTENAEVKLVDFGVSAQLDRTVGRRNTFIGTPYWMAPEVIACDENPDATYDYRSDLWSCGITAIEMAEGAPPLCDMHPMR
ALFLIPRNPPPRLKSKKWSKKFFSFIEGCLVKNYMQRPSTEQLLKHPFIRDQPNERQVRIQLKDHIDRTRKKRLENLYFQ
;
_entity_poly.pdbx_strand_id   A,B
#
loop_
_chem_comp.id
_chem_comp.type
_chem_comp.name
_chem_comp.formula
A1AAA non-polymer (3M)-N~6~-(1,4-dimethyl-1H-pyrazol-3-yl)-3-(1-methyl-1H-imidazol-5-yl)-2,7-naphthyridine-1,6-diamine 'C17 H18 N8'
#
# COMPACT_ATOMS: atom_id res chain seq x y z
N ASP A 14 -19.55 19.86 9.10
CA ASP A 14 -18.23 19.85 9.73
C ASP A 14 -18.02 18.66 10.68
N LEU A 15 -16.75 18.36 11.01
CA LEU A 15 -16.42 17.24 11.87
C LEU A 15 -16.78 17.47 13.35
N SER A 16 -16.86 18.74 13.79
CA SER A 16 -17.21 19.03 15.19
C SER A 16 -18.68 18.70 15.52
N SER A 17 -19.58 18.73 14.50
CA SER A 17 -20.98 18.40 14.74
C SER A 17 -21.27 16.86 14.73
N LEU A 18 -20.21 16.03 14.67
CA LEU A 18 -20.37 14.58 14.67
C LEU A 18 -20.51 14.02 16.08
N ARG A 19 -21.46 13.11 16.25
CA ARG A 19 -21.76 12.48 17.53
C ARG A 19 -20.94 11.19 17.71
N ASP A 20 -20.78 10.74 18.97
CA ASP A 20 -20.07 9.49 19.26
C ASP A 20 -21.01 8.34 18.87
N PRO A 21 -20.52 7.32 18.18
CA PRO A 21 -21.41 6.24 17.72
C PRO A 21 -21.88 5.25 18.78
N ALA A 22 -21.48 5.45 20.05
CA ALA A 22 -21.70 4.59 21.22
C ALA A 22 -23.05 3.74 21.20
N GLY A 23 -24.23 4.36 21.34
CA GLY A 23 -25.48 3.59 21.32
C GLY A 23 -26.14 3.49 19.95
N ILE A 24 -25.35 3.76 18.88
CA ILE A 24 -25.84 3.82 17.51
C ILE A 24 -25.29 2.68 16.65
N PHE A 25 -23.96 2.48 16.64
CA PHE A 25 -23.37 1.41 15.85
C PHE A 25 -22.30 0.63 16.62
N GLU A 26 -22.07 -0.66 16.21
CA GLU A 26 -21.10 -1.55 16.84
C GLU A 26 -20.21 -2.14 15.79
N LEU A 27 -18.90 -2.18 16.03
CA LEU A 27 -17.99 -2.83 15.09
C LEU A 27 -17.97 -4.34 15.35
N VAL A 28 -18.62 -5.11 14.48
CA VAL A 28 -18.74 -6.57 14.57
C VAL A 28 -17.42 -7.29 14.15
N GLU A 29 -17.13 -7.48 12.85
CA GLU A 29 -15.94 -8.20 12.41
C GLU A 29 -15.31 -7.51 11.18
N VAL A 30 -13.97 -7.47 11.11
CA VAL A 30 -13.26 -6.87 9.97
C VAL A 30 -13.66 -7.50 8.65
N VAL A 31 -14.34 -6.73 7.78
CA VAL A 31 -14.79 -7.28 6.51
C VAL A 31 -13.84 -6.90 5.37
N GLY A 32 -13.30 -5.69 5.39
CA GLY A 32 -12.40 -5.23 4.34
C GLY A 32 -11.28 -4.31 4.79
N ASN A 33 -10.29 -4.11 3.90
CA ASN A 33 -9.13 -3.25 4.13
C ASN A 33 -8.40 -3.52 5.45
N GLY A 37 -8.17 3.65 5.48
CA GLY A 37 -9.34 3.20 6.23
C GLY A 37 -9.52 1.69 6.29
N GLN A 38 -9.98 1.16 7.44
CA GLN A 38 -10.22 -0.27 7.64
C GLN A 38 -11.74 -0.46 7.74
N VAL A 39 -12.33 -1.26 6.85
CA VAL A 39 -13.77 -1.44 6.85
C VAL A 39 -14.25 -2.61 7.72
N TYR A 40 -15.12 -2.34 8.68
CA TYR A 40 -15.69 -3.34 9.58
C TYR A 40 -17.11 -3.67 9.16
N LYS A 41 -17.54 -4.89 9.50
CA LYS A 41 -18.92 -5.32 9.38
C LYS A 41 -19.55 -4.65 10.60
N GLY A 42 -20.41 -3.67 10.38
CA GLY A 42 -21.00 -2.89 11.45
C GLY A 42 -22.47 -3.17 11.65
N ARG A 43 -22.98 -2.93 12.86
CA ARG A 43 -24.38 -3.20 13.16
C ARG A 43 -25.01 -2.03 13.87
N HIS A 44 -26.20 -1.63 13.43
CA HIS A 44 -26.95 -0.57 14.09
C HIS A 44 -27.54 -1.19 15.37
N VAL A 45 -27.25 -0.63 16.57
CA VAL A 45 -27.72 -1.18 17.85
C VAL A 45 -29.25 -1.30 17.97
N LYS A 46 -29.96 -0.19 17.73
CA LYS A 46 -31.41 -0.10 17.82
C LYS A 46 -32.19 -1.17 17.02
N THR A 47 -31.83 -1.43 15.75
CA THR A 47 -32.55 -2.37 14.87
C THR A 47 -31.84 -3.69 14.54
N GLY A 48 -30.52 -3.71 14.60
CA GLY A 48 -29.73 -4.89 14.25
C GLY A 48 -29.30 -4.95 12.77
N GLN A 49 -29.56 -3.86 12.03
CA GLN A 49 -29.26 -3.72 10.62
C GLN A 49 -27.76 -3.77 10.36
N LEU A 50 -27.36 -4.45 9.27
CA LEU A 50 -25.95 -4.53 8.90
C LEU A 50 -25.56 -3.35 8.01
N ALA A 51 -24.42 -2.72 8.33
CA ALA A 51 -23.86 -1.59 7.59
C ALA A 51 -22.34 -1.73 7.48
N ALA A 52 -21.71 -1.13 6.47
CA ALA A 52 -20.25 -1.15 6.36
C ALA A 52 -19.73 0.09 7.07
N ILE A 53 -18.82 -0.09 8.03
CA ILE A 53 -18.28 1.04 8.78
C ILE A 53 -16.78 1.18 8.54
N LYS A 54 -16.39 2.22 7.81
CA LYS A 54 -14.99 2.51 7.55
C LYS A 54 -14.43 3.31 8.71
N VAL A 55 -13.47 2.74 9.42
CA VAL A 55 -12.84 3.42 10.55
C VAL A 55 -11.48 4.03 10.15
N MET A 56 -11.33 5.36 10.31
CA MET A 56 -10.08 6.06 9.99
C MET A 56 -9.67 7.11 11.04
N ASP A 57 -8.46 6.93 11.60
CA ASP A 57 -7.92 7.83 12.62
C ASP A 57 -7.61 9.23 12.11
N VAL A 58 -8.46 10.18 12.48
CA VAL A 58 -8.34 11.57 12.06
C VAL A 58 -7.16 12.32 12.67
N THR A 59 -6.11 12.52 11.87
CA THR A 59 -4.99 13.36 12.28
C THR A 59 -5.56 14.80 12.04
N GLU A 60 -5.39 15.73 13.00
CA GLU A 60 -5.94 17.10 12.93
C GLU A 60 -5.51 17.96 11.71
N ASP A 61 -4.68 17.41 10.80
CA ASP A 61 -4.26 18.05 9.56
C ASP A 61 -5.04 17.45 8.35
N GLU A 62 -5.42 16.13 8.44
CA GLU A 62 -6.18 15.39 7.43
C GLU A 62 -7.69 15.61 7.48
N GLU A 63 -8.15 16.57 8.28
CA GLU A 63 -9.57 16.89 8.41
C GLU A 63 -10.15 17.57 7.13
N GLU A 64 -9.41 17.49 6.00
CA GLU A 64 -9.77 18.08 4.71
C GLU A 64 -9.84 17.03 3.63
N GLU A 65 -8.89 16.09 3.65
CA GLU A 65 -8.88 15.00 2.66
C GLU A 65 -9.98 14.01 3.02
N ILE A 66 -10.09 13.66 4.31
CA ILE A 66 -11.12 12.75 4.82
C ILE A 66 -12.52 13.34 4.59
N LYS A 67 -12.66 14.67 4.68
CA LYS A 67 -13.90 15.41 4.50
C LYS A 67 -14.38 15.30 3.06
N LEU A 68 -13.45 15.37 2.09
CA LEU A 68 -13.75 15.32 0.65
C LEU A 68 -14.48 14.02 0.24
N GLU A 69 -14.05 12.89 0.80
CA GLU A 69 -14.64 11.58 0.54
C GLU A 69 -16.06 11.53 1.12
N ILE A 70 -16.24 12.10 2.32
CA ILE A 70 -17.54 12.15 2.97
C ILE A 70 -18.52 12.99 2.14
N ASN A 71 -18.03 14.10 1.57
CA ASN A 71 -18.87 14.98 0.76
C ASN A 71 -19.33 14.24 -0.50
N MET A 72 -18.42 13.53 -1.16
CA MET A 72 -18.72 12.75 -2.37
C MET A 72 -19.79 11.72 -2.09
N LEU A 73 -19.65 10.99 -0.98
CA LEU A 73 -20.58 9.96 -0.60
C LEU A 73 -21.96 10.53 -0.30
N LYS A 74 -22.05 11.56 0.54
CA LYS A 74 -23.32 12.22 0.85
C LYS A 74 -24.00 12.75 -0.44
N LYS A 75 -23.18 13.30 -1.34
CA LYS A 75 -23.60 13.89 -2.61
C LYS A 75 -24.05 12.91 -3.72
N TYR A 76 -23.42 11.72 -3.85
CA TYR A 76 -23.74 10.83 -4.97
C TYR A 76 -23.98 9.34 -4.67
N SER A 77 -23.96 8.92 -3.41
CA SER A 77 -24.11 7.50 -3.06
C SER A 77 -25.52 6.88 -3.17
N HIS A 78 -26.54 7.73 -3.27
CA HIS A 78 -27.95 7.34 -3.37
C HIS A 78 -28.27 6.43 -4.59
N HIS A 79 -27.47 6.52 -5.69
CA HIS A 79 -27.70 5.76 -6.94
C HIS A 79 -27.68 4.28 -6.72
N ARG A 80 -28.49 3.58 -7.52
CA ARG A 80 -28.72 2.15 -7.53
C ARG A 80 -27.43 1.32 -7.44
N ASN A 81 -26.38 1.70 -8.20
CA ASN A 81 -25.12 0.96 -8.25
C ASN A 81 -23.99 1.54 -7.43
N ILE A 82 -24.27 2.48 -6.53
CA ILE A 82 -23.27 3.03 -5.62
C ILE A 82 -23.72 2.68 -4.21
N ALA A 83 -22.83 2.09 -3.36
CA ALA A 83 -23.21 1.76 -1.98
C ALA A 83 -23.59 3.05 -1.24
N THR A 84 -24.83 3.10 -0.77
CA THR A 84 -25.46 4.27 -0.16
C THR A 84 -24.79 4.66 1.17
N TYR A 85 -24.58 5.95 1.39
CA TYR A 85 -23.97 6.44 2.61
C TYR A 85 -25.08 6.58 3.68
N TYR A 86 -24.76 6.16 4.89
CA TYR A 86 -25.69 6.24 6.00
C TYR A 86 -25.40 7.46 6.86
N GLY A 87 -24.20 7.57 7.40
CA GLY A 87 -23.83 8.70 8.23
C GLY A 87 -22.39 8.65 8.71
N ALA A 88 -21.94 9.69 9.41
CA ALA A 88 -20.59 9.72 9.95
C ALA A 88 -20.61 10.04 11.44
N PHE A 89 -19.70 9.45 12.18
CA PHE A 89 -19.58 9.64 13.62
C PHE A 89 -18.11 9.81 14.02
N ILE A 90 -17.85 10.49 15.16
CA ILE A 90 -16.48 10.61 15.64
C ILE A 90 -16.42 10.15 17.07
N LYS A 91 -15.58 9.14 17.30
CA LYS A 91 -15.29 8.57 18.61
C LYS A 91 -14.04 9.32 19.09
N LYS A 92 -14.17 10.19 20.11
CA LYS A 92 -13.05 10.94 20.66
C LYS A 92 -12.00 10.03 21.30
N SER A 93 -10.75 10.50 21.43
CA SER A 93 -9.68 9.69 22.01
C SER A 93 -8.55 10.55 22.62
N PRO A 94 -8.05 10.18 23.82
CA PRO A 94 -6.96 10.95 24.43
C PRO A 94 -5.57 10.46 24.04
N ASP A 98 -5.59 11.17 18.96
CA ASP A 98 -6.10 11.13 17.59
C ASP A 98 -7.48 10.46 17.54
N ASP A 99 -8.52 11.27 17.35
CA ASP A 99 -9.90 10.80 17.27
C ASP A 99 -10.13 9.80 16.11
N GLN A 100 -11.26 9.08 16.12
CA GLN A 100 -11.55 8.11 15.07
C GLN A 100 -12.80 8.47 14.33
N LEU A 101 -12.74 8.51 12.99
CA LEU A 101 -13.93 8.78 12.19
C LEU A 101 -14.54 7.47 11.73
N TRP A 102 -15.87 7.39 11.80
CA TRP A 102 -16.61 6.23 11.36
C TRP A 102 -17.43 6.67 10.19
N LEU A 103 -17.08 6.18 9.01
CA LEU A 103 -17.80 6.46 7.79
C LEU A 103 -18.77 5.30 7.59
N VAL A 104 -20.05 5.52 7.88
CA VAL A 104 -21.05 4.47 7.78
C VAL A 104 -21.77 4.47 6.45
N MET A 105 -21.85 3.32 5.80
CA MET A 105 -22.55 3.18 4.54
C MET A 105 -23.20 1.78 4.39
N GLU A 106 -23.80 1.50 3.24
CA GLU A 106 -24.50 0.26 2.91
C GLU A 106 -23.64 -0.99 3.06
N PHE A 107 -24.25 -2.12 3.46
CA PHE A 107 -23.52 -3.36 3.60
C PHE A 107 -23.84 -4.29 2.46
N CYS A 108 -22.83 -4.58 1.63
CA CYS A 108 -22.98 -5.48 0.50
C CYS A 108 -22.57 -6.84 1.01
N GLY A 109 -23.57 -7.68 1.25
CA GLY A 109 -23.40 -8.99 1.86
C GLY A 109 -22.59 -10.05 1.13
N ALA A 110 -22.69 -10.11 -0.21
CA ALA A 110 -22.00 -11.16 -0.98
C ALA A 110 -20.47 -11.07 -0.99
N GLY A 111 -19.97 -9.84 -1.05
CA GLY A 111 -18.53 -9.58 -1.12
C GLY A 111 -18.18 -8.87 -2.41
N SER A 112 -16.95 -9.04 -2.88
CA SER A 112 -16.51 -8.40 -4.12
C SER A 112 -16.48 -9.35 -5.31
N ILE A 113 -16.44 -8.80 -6.53
CA ILE A 113 -16.34 -9.61 -7.73
C ILE A 113 -15.07 -10.47 -7.70
N THR A 114 -13.95 -9.94 -7.18
CA THR A 114 -12.71 -10.71 -7.07
C THR A 114 -12.90 -12.01 -6.30
N ASP A 115 -13.58 -11.91 -5.14
CA ASP A 115 -13.89 -13.03 -4.26
C ASP A 115 -14.80 -14.02 -4.97
N LEU A 116 -15.81 -13.51 -5.71
CA LEU A 116 -16.74 -14.34 -6.47
C LEU A 116 -15.99 -15.24 -7.47
N VAL A 117 -15.18 -14.65 -8.37
CA VAL A 117 -14.40 -15.37 -9.39
C VAL A 117 -13.46 -16.43 -8.78
N LYS A 118 -12.76 -16.06 -7.72
CA LYS A 118 -11.82 -16.98 -7.08
C LYS A 118 -12.54 -18.12 -6.34
N ASN A 119 -13.76 -17.86 -5.85
CA ASN A 119 -14.56 -18.91 -5.21
C ASN A 119 -15.37 -19.69 -6.28
N THR A 120 -14.83 -19.84 -7.51
CA THR A 120 -15.54 -20.52 -8.58
C THR A 120 -14.67 -21.60 -9.25
N LYS A 121 -15.32 -22.68 -9.73
CA LYS A 121 -14.68 -23.78 -10.44
C LYS A 121 -13.95 -23.26 -11.69
N GLY A 122 -12.65 -23.50 -11.75
CA GLY A 122 -11.81 -23.02 -12.84
C GLY A 122 -11.54 -21.53 -12.83
N ASN A 123 -11.74 -20.89 -11.63
CA ASN A 123 -11.54 -19.47 -11.34
C ASN A 123 -11.91 -18.53 -12.50
N THR A 124 -13.11 -18.69 -13.06
CA THR A 124 -13.56 -17.85 -14.18
C THR A 124 -15.06 -17.54 -14.02
N LEU A 125 -15.60 -16.63 -14.84
CA LEU A 125 -17.00 -16.26 -14.78
C LEU A 125 -17.63 -16.44 -16.15
N LYS A 126 -18.95 -16.69 -16.17
CA LYS A 126 -19.71 -16.91 -17.39
C LYS A 126 -19.92 -15.59 -18.12
N GLU A 127 -19.90 -15.62 -19.43
CA GLU A 127 -20.07 -14.46 -20.29
C GLU A 127 -21.37 -13.65 -20.02
N ASP A 128 -22.43 -14.30 -19.55
CA ASP A 128 -23.70 -13.61 -19.27
C ASP A 128 -23.64 -12.86 -17.94
N TRP A 129 -22.90 -13.43 -16.97
CA TRP A 129 -22.61 -12.84 -15.66
C TRP A 129 -21.70 -11.61 -15.91
N ILE A 130 -20.64 -11.78 -16.75
CA ILE A 130 -19.70 -10.71 -17.09
C ILE A 130 -20.43 -9.52 -17.72
N ALA A 131 -21.43 -9.79 -18.55
CA ALA A 131 -22.21 -8.75 -19.20
C ALA A 131 -23.14 -8.02 -18.23
N TYR A 132 -23.68 -8.77 -17.23
CA TYR A 132 -24.59 -8.18 -16.24
C TYR A 132 -23.80 -7.18 -15.40
N ILE A 133 -22.79 -7.67 -14.69
CA ILE A 133 -21.90 -6.90 -13.84
C ILE A 133 -21.27 -5.73 -14.60
N SER A 134 -20.78 -5.95 -15.83
CA SER A 134 -20.18 -4.86 -16.62
C SER A 134 -21.13 -3.71 -16.88
N ARG A 135 -22.41 -4.00 -17.11
CA ARG A 135 -23.42 -2.96 -17.35
C ARG A 135 -23.71 -2.14 -16.08
N GLU A 136 -23.65 -2.81 -14.91
CA GLU A 136 -23.92 -2.20 -13.62
C GLU A 136 -22.76 -1.28 -13.22
N ILE A 137 -21.50 -1.69 -13.52
CA ILE A 137 -20.30 -0.88 -13.28
C ILE A 137 -20.43 0.37 -14.17
N LEU A 138 -20.75 0.17 -15.46
CA LEU A 138 -20.92 1.27 -16.38
C LEU A 138 -22.07 2.19 -15.97
N ARG A 139 -23.12 1.64 -15.34
CA ARG A 139 -24.27 2.41 -14.85
C ARG A 139 -23.85 3.36 -13.72
N GLY A 140 -23.16 2.83 -12.71
CA GLY A 140 -22.64 3.59 -11.59
C GLY A 140 -21.63 4.61 -12.06
N LEU A 141 -20.78 4.24 -13.04
CA LEU A 141 -19.77 5.15 -13.59
C LEU A 141 -20.40 6.27 -14.38
N ALA A 142 -21.49 5.98 -15.09
CA ALA A 142 -22.21 6.97 -15.89
C ALA A 142 -22.74 8.07 -14.98
N HIS A 143 -23.28 7.69 -13.82
CA HIS A 143 -23.80 8.61 -12.82
C HIS A 143 -22.68 9.57 -12.36
N LEU A 144 -21.51 9.02 -11.98
CA LEU A 144 -20.38 9.82 -11.54
C LEU A 144 -19.90 10.73 -12.64
N HIS A 145 -19.70 10.20 -13.86
CA HIS A 145 -19.21 10.97 -15.00
C HIS A 145 -20.14 12.12 -15.36
N ILE A 146 -21.49 11.91 -15.22
CA ILE A 146 -22.51 12.93 -15.44
C ILE A 146 -22.23 14.12 -14.50
N HIS A 147 -21.96 13.81 -13.22
CA HIS A 147 -21.68 14.77 -12.16
C HIS A 147 -20.23 15.16 -12.00
N HIS A 148 -19.38 14.88 -13.01
CA HIS A 148 -17.96 15.24 -13.06
C HIS A 148 -17.06 14.58 -11.98
N VAL A 149 -17.32 13.31 -11.67
CA VAL A 149 -16.51 12.56 -10.72
C VAL A 149 -15.89 11.33 -11.42
N ILE A 150 -14.57 11.17 -11.30
CA ILE A 150 -13.84 10.04 -11.83
C ILE A 150 -13.52 9.20 -10.60
N HIS A 151 -13.99 7.94 -10.55
CA HIS A 151 -13.77 7.04 -9.42
C HIS A 151 -12.27 6.85 -9.17
N ARG A 152 -11.52 6.57 -10.26
CA ARG A 152 -10.07 6.43 -10.33
C ARG A 152 -9.49 5.14 -9.80
N ASP A 153 -10.32 4.23 -9.30
CA ASP A 153 -9.82 2.98 -8.74
C ASP A 153 -10.80 1.84 -9.02
N ILE A 154 -11.22 1.69 -10.29
CA ILE A 154 -12.14 0.63 -10.67
C ILE A 154 -11.37 -0.68 -10.76
N LYS A 155 -11.84 -1.70 -10.05
CA LYS A 155 -11.26 -3.03 -10.02
C LYS A 155 -12.23 -4.03 -9.38
N GLY A 156 -11.91 -5.32 -9.42
CA GLY A 156 -12.75 -6.36 -8.85
C GLY A 156 -12.91 -6.25 -7.35
N GLN A 157 -11.98 -5.58 -6.68
CA GLN A 157 -12.06 -5.38 -5.24
C GLN A 157 -13.07 -4.28 -4.88
N ASN A 158 -13.29 -3.31 -5.78
CA ASN A 158 -14.20 -2.20 -5.48
C ASN A 158 -15.57 -2.31 -6.12
N VAL A 159 -15.91 -3.49 -6.65
CA VAL A 159 -17.23 -3.77 -7.20
C VAL A 159 -17.79 -4.85 -6.33
N LEU A 160 -18.86 -4.53 -5.59
CA LEU A 160 -19.42 -5.47 -4.62
C LEU A 160 -20.84 -5.90 -4.95
N LEU A 161 -21.29 -6.99 -4.31
CA LEU A 161 -22.67 -7.45 -4.49
C LEU A 161 -23.46 -7.50 -3.19
N THR A 162 -24.72 -7.03 -3.25
CA THR A 162 -25.64 -7.13 -2.10
C THR A 162 -26.20 -8.56 -2.03
N GLU A 163 -26.88 -8.92 -0.91
CA GLU A 163 -27.53 -10.22 -0.80
C GLU A 163 -28.63 -10.37 -1.88
N ASN A 164 -29.25 -9.26 -2.31
CA ASN A 164 -30.24 -9.25 -3.38
C ASN A 164 -29.58 -9.37 -4.79
N ALA A 165 -28.28 -9.81 -4.85
CA ALA A 165 -27.44 -9.94 -6.05
C ALA A 165 -27.33 -8.65 -6.88
N GLU A 166 -27.32 -7.50 -6.19
CA GLU A 166 -27.19 -6.21 -6.88
C GLU A 166 -25.74 -5.74 -6.91
N VAL A 167 -25.41 -4.87 -7.86
CA VAL A 167 -24.02 -4.42 -8.03
C VAL A 167 -23.78 -3.01 -7.46
N LYS A 168 -22.76 -2.86 -6.62
CA LYS A 168 -22.47 -1.58 -5.99
C LYS A 168 -20.98 -1.19 -5.97
N LEU A 169 -20.64 0.03 -6.42
CA LEU A 169 -19.28 0.52 -6.41
C LEU A 169 -18.91 1.10 -5.05
N VAL A 170 -17.74 0.72 -4.56
CA VAL A 170 -17.26 1.21 -3.27
C VAL A 170 -15.88 1.89 -3.41
N ASP A 171 -15.31 2.42 -2.32
CA ASP A 171 -13.99 3.08 -2.19
C ASP A 171 -13.78 4.34 -3.02
N PHE A 172 -14.04 5.50 -2.42
CA PHE A 172 -13.78 6.78 -3.07
C PHE A 172 -12.55 7.49 -2.49
N GLY A 173 -11.71 6.76 -1.76
CA GLY A 173 -10.50 7.28 -1.14
C GLY A 173 -9.32 7.27 -2.08
N VAL A 174 -9.54 7.88 -3.24
CA VAL A 174 -8.61 8.00 -4.35
C VAL A 174 -9.09 9.17 -5.25
N SER A 175 -10.42 9.36 -5.40
CA SER A 175 -10.96 10.45 -6.21
C SER A 175 -11.07 11.76 -5.45
N ASN A 186 -2.36 10.94 0.34
CA ASN A 186 -1.70 10.04 -0.61
C ASN A 186 -0.19 9.95 -0.37
N THR A 187 0.28 8.75 -0.02
CA THR A 187 1.70 8.53 0.19
C THR A 187 2.14 7.20 -0.47
N PHE A 188 1.25 6.20 -0.53
CA PHE A 188 1.55 4.91 -1.16
C PHE A 188 0.80 4.71 -2.46
N ILE A 189 1.51 4.48 -3.58
CA ILE A 189 0.89 4.13 -4.86
C ILE A 189 0.43 2.67 -4.72
N GLY A 190 -0.85 2.41 -5.03
CA GLY A 190 -1.39 1.07 -4.89
C GLY A 190 -0.99 0.07 -5.95
N THR A 191 -1.95 -0.67 -6.43
CA THR A 191 -1.75 -1.73 -7.42
C THR A 191 -1.81 -1.13 -8.84
N PRO A 192 -0.93 -1.55 -9.76
CA PRO A 192 -0.92 -0.94 -11.10
C PRO A 192 -1.82 -1.55 -12.16
N TYR A 193 -2.14 -2.81 -12.01
CA TYR A 193 -2.85 -3.65 -12.99
C TYR A 193 -4.09 -3.04 -13.67
N TRP A 194 -4.89 -2.27 -12.94
CA TRP A 194 -6.11 -1.69 -13.52
C TRP A 194 -5.94 -0.28 -14.07
N MET A 195 -4.75 0.32 -13.96
CA MET A 195 -4.43 1.68 -14.41
C MET A 195 -4.39 1.84 -15.90
N ALA A 196 -5.16 2.83 -16.41
CA ALA A 196 -5.15 3.14 -17.84
C ALA A 196 -3.78 3.73 -18.18
N PRO A 197 -3.27 3.51 -19.40
CA PRO A 197 -1.92 4.02 -19.74
C PRO A 197 -1.70 5.52 -19.50
N GLU A 198 -2.72 6.34 -19.71
CA GLU A 198 -2.59 7.79 -19.57
C GLU A 198 -2.44 8.27 -18.11
N VAL A 199 -2.73 7.41 -17.14
CA VAL A 199 -2.58 7.80 -15.72
C VAL A 199 -1.14 7.58 -15.23
N ILE A 200 -0.29 6.87 -16.01
CA ILE A 200 1.10 6.55 -15.70
C ILE A 200 2.03 7.44 -16.51
N ALA A 201 2.65 8.42 -15.89
CA ALA A 201 3.53 9.38 -16.56
C ALA A 201 4.78 8.77 -17.21
N CYS A 202 5.16 9.29 -18.36
CA CYS A 202 6.38 8.92 -19.09
C CYS A 202 6.88 10.16 -19.90
N ASP A 203 7.94 10.04 -20.71
CA ASP A 203 8.49 11.21 -21.43
C ASP A 203 7.46 11.98 -22.30
N GLU A 204 6.66 11.22 -23.09
CA GLU A 204 5.59 11.73 -23.98
C GLU A 204 4.36 12.21 -23.17
N ASN A 205 4.14 11.63 -21.98
CA ASN A 205 3.03 12.03 -21.12
C ASN A 205 3.57 12.43 -19.73
N PRO A 206 4.23 13.61 -19.55
CA PRO A 206 4.84 13.93 -18.24
C PRO A 206 3.86 14.24 -17.13
N ASP A 207 2.73 14.84 -17.50
CA ASP A 207 1.73 15.25 -16.52
C ASP A 207 0.66 14.21 -16.22
N ALA A 208 0.77 12.99 -16.80
CA ALA A 208 -0.15 11.86 -16.61
C ALA A 208 -1.61 12.31 -16.76
N THR A 209 -1.89 12.91 -17.92
CA THR A 209 -3.17 13.52 -18.31
C THR A 209 -4.39 12.61 -18.17
N TYR A 210 -5.05 12.71 -17.01
CA TYR A 210 -6.29 12.00 -16.63
C TYR A 210 -7.48 12.50 -17.48
N ASP A 211 -8.55 11.74 -17.42
CA ASP A 211 -9.82 11.98 -18.07
C ASP A 211 -10.76 10.90 -17.52
N TYR A 212 -12.07 11.16 -17.59
CA TYR A 212 -13.05 10.16 -17.11
C TYR A 212 -12.94 8.82 -17.88
N ARG A 213 -12.39 8.86 -19.10
CA ARG A 213 -12.21 7.69 -19.93
C ARG A 213 -11.16 6.71 -19.37
N SER A 214 -10.39 7.08 -18.34
CA SER A 214 -9.48 6.20 -17.63
C SER A 214 -10.28 5.15 -16.80
N ASP A 215 -11.48 5.51 -16.36
CA ASP A 215 -12.37 4.58 -15.67
C ASP A 215 -12.89 3.51 -16.59
N LEU A 216 -13.04 3.84 -17.90
CA LEU A 216 -13.52 2.91 -18.91
C LEU A 216 -12.42 1.88 -19.23
N TRP A 217 -11.13 2.23 -19.08
CA TRP A 217 -10.03 1.28 -19.23
C TRP A 217 -10.06 0.32 -18.03
N SER A 218 -10.23 0.84 -16.81
CA SER A 218 -10.30 -0.02 -15.63
C SER A 218 -11.51 -0.93 -15.65
N CYS A 219 -12.59 -0.52 -16.33
CA CYS A 219 -13.78 -1.37 -16.45
C CYS A 219 -13.40 -2.57 -17.35
N GLY A 220 -12.72 -2.31 -18.47
CA GLY A 220 -12.25 -3.36 -19.37
C GLY A 220 -11.28 -4.33 -18.73
N ILE A 221 -10.39 -3.83 -17.86
CA ILE A 221 -9.46 -4.69 -17.14
C ILE A 221 -10.26 -5.59 -16.19
N THR A 222 -11.32 -5.03 -15.55
CA THR A 222 -12.23 -5.72 -14.63
C THR A 222 -13.08 -6.79 -15.38
N ALA A 223 -13.47 -6.53 -16.64
CA ALA A 223 -14.18 -7.54 -17.42
C ALA A 223 -13.24 -8.71 -17.74
N ILE A 224 -11.92 -8.43 -17.98
CA ILE A 224 -10.91 -9.48 -18.21
C ILE A 224 -10.64 -10.20 -16.91
N GLU A 225 -10.66 -9.50 -15.79
CA GLU A 225 -10.41 -10.10 -14.47
C GLU A 225 -11.54 -11.09 -14.13
N MET A 226 -12.76 -10.79 -14.56
CA MET A 226 -13.89 -11.68 -14.38
C MET A 226 -13.72 -12.90 -15.29
N ALA A 227 -13.41 -12.66 -16.58
CA ALA A 227 -13.26 -13.70 -17.59
C ALA A 227 -12.08 -14.62 -17.41
N GLU A 228 -11.01 -14.18 -16.70
CA GLU A 228 -9.79 -15.00 -16.53
C GLU A 228 -9.29 -15.18 -15.10
N GLY A 229 -10.00 -14.62 -14.13
CA GLY A 229 -9.62 -14.73 -12.73
C GLY A 229 -8.67 -13.66 -12.23
N ALA A 230 -7.73 -13.24 -13.08
CA ALA A 230 -6.69 -12.26 -12.76
C ALA A 230 -6.58 -11.20 -13.86
N PRO A 231 -6.12 -9.98 -13.56
CA PRO A 231 -5.98 -8.96 -14.62
C PRO A 231 -4.85 -9.27 -15.62
N PRO A 232 -4.85 -8.55 -16.77
CA PRO A 232 -3.84 -8.80 -17.82
C PRO A 232 -2.35 -8.86 -17.56
N LEU A 233 -1.77 -8.40 -16.44
CA LEU A 233 -0.30 -8.57 -16.24
C LEU A 233 0.06 -9.08 -14.83
N CYS A 234 -0.86 -9.84 -14.23
CA CYS A 234 -0.85 -10.44 -12.89
C CYS A 234 0.45 -11.15 -12.47
N ASP A 235 1.14 -11.80 -13.42
CA ASP A 235 2.35 -12.60 -13.14
C ASP A 235 3.66 -11.79 -13.22
N MET A 236 3.56 -10.48 -13.03
CA MET A 236 4.71 -9.59 -13.09
C MET A 236 4.84 -8.80 -11.80
N HIS A 237 6.04 -8.25 -11.57
CA HIS A 237 6.27 -7.37 -10.46
C HIS A 237 5.51 -6.06 -10.80
N PRO A 238 4.76 -5.51 -9.85
CA PRO A 238 3.98 -4.30 -10.12
C PRO A 238 4.73 -3.17 -10.79
N MET A 239 6.03 -3.02 -10.52
CA MET A 239 6.86 -1.97 -11.13
C MET A 239 7.18 -2.27 -12.59
N ARG A 240 7.31 -3.55 -12.95
CA ARG A 240 7.46 -3.95 -14.34
C ARG A 240 6.07 -3.79 -15.06
N ALA A 241 4.95 -4.10 -14.37
CA ALA A 241 3.62 -3.94 -14.96
C ALA A 241 3.34 -2.47 -15.24
N LEU A 242 3.75 -1.58 -14.33
CA LEU A 242 3.60 -0.12 -14.44
C LEU A 242 4.40 0.41 -15.63
N PHE A 243 5.58 -0.10 -15.85
CA PHE A 243 6.40 0.29 -16.99
C PHE A 243 5.76 -0.24 -18.29
N LEU A 244 5.27 -1.48 -18.27
CA LEU A 244 4.75 -2.10 -19.46
C LEU A 244 3.39 -1.61 -19.91
N ILE A 245 2.45 -1.24 -18.97
CA ILE A 245 1.09 -0.82 -19.38
C ILE A 245 1.12 0.29 -20.47
N PRO A 246 1.83 1.43 -20.31
CA PRO A 246 1.87 2.43 -21.37
C PRO A 246 2.55 1.98 -22.65
N ARG A 247 3.44 0.99 -22.57
CA ARG A 247 4.23 0.57 -23.72
C ARG A 247 3.70 -0.60 -24.50
N ASN A 248 2.78 -1.35 -23.92
CA ASN A 248 2.21 -2.51 -24.58
C ASN A 248 0.98 -2.11 -25.32
N PRO A 249 0.64 -2.81 -26.42
CA PRO A 249 -0.67 -2.59 -27.06
C PRO A 249 -1.78 -3.01 -26.08
N PRO A 250 -3.05 -2.64 -26.36
CA PRO A 250 -4.12 -3.01 -25.42
C PRO A 250 -4.25 -4.49 -25.13
N PRO A 251 -4.31 -4.90 -23.84
CA PRO A 251 -4.51 -6.32 -23.53
C PRO A 251 -5.67 -6.96 -24.27
N ARG A 252 -5.61 -8.29 -24.39
CA ARG A 252 -6.62 -9.13 -25.04
C ARG A 252 -6.86 -10.40 -24.18
N LEU A 253 -8.02 -11.03 -24.36
CA LEU A 253 -8.37 -12.29 -23.70
C LEU A 253 -7.51 -13.45 -24.25
N LYS A 254 -7.17 -14.41 -23.38
CA LYS A 254 -6.38 -15.57 -23.74
C LYS A 254 -7.17 -16.55 -24.59
N SER A 255 -8.44 -16.81 -24.23
CA SER A 255 -9.30 -17.78 -24.92
C SER A 255 -10.06 -17.26 -26.15
N LYS A 256 -10.17 -18.14 -27.17
CA LYS A 256 -10.93 -17.90 -28.42
C LYS A 256 -12.44 -18.21 -28.27
N LYS A 257 -12.84 -18.85 -27.15
CA LYS A 257 -14.23 -19.24 -26.87
C LYS A 257 -15.25 -18.09 -26.87
N TRP A 258 -14.88 -16.90 -26.39
CA TRP A 258 -15.79 -15.76 -26.24
C TRP A 258 -16.43 -15.33 -27.54
N SER A 259 -17.55 -14.64 -27.44
CA SER A 259 -18.29 -14.15 -28.60
C SER A 259 -17.62 -12.94 -29.19
N LYS A 260 -17.91 -12.65 -30.45
CA LYS A 260 -17.43 -11.42 -31.10
C LYS A 260 -17.89 -10.16 -30.33
N LYS A 261 -19.07 -10.24 -29.65
CA LYS A 261 -19.64 -9.15 -28.84
C LYS A 261 -18.70 -8.84 -27.66
N PHE A 262 -18.20 -9.87 -26.94
CA PHE A 262 -17.34 -9.70 -25.78
C PHE A 262 -15.97 -9.14 -26.16
N PHE A 263 -15.33 -9.69 -27.20
CA PHE A 263 -14.01 -9.21 -27.64
C PHE A 263 -14.09 -7.74 -28.05
N SER A 264 -15.20 -7.35 -28.70
CA SER A 264 -15.45 -5.99 -29.16
C SER A 264 -15.66 -5.01 -28.01
N PHE A 265 -16.27 -5.51 -26.92
CA PHE A 265 -16.51 -4.76 -25.69
C PHE A 265 -15.17 -4.50 -25.03
N ILE A 266 -14.34 -5.54 -24.85
CA ILE A 266 -13.00 -5.43 -24.29
C ILE A 266 -12.15 -4.44 -25.13
N GLU A 267 -12.30 -4.52 -26.46
CA GLU A 267 -11.57 -3.62 -27.36
C GLU A 267 -12.02 -2.17 -27.17
N GLY A 268 -13.30 -1.95 -26.89
CA GLY A 268 -13.86 -0.63 -26.64
C GLY A 268 -13.33 -0.04 -25.34
N CYS A 269 -13.36 -0.81 -24.24
CA CYS A 269 -12.85 -0.34 -22.96
C CYS A 269 -11.34 -0.02 -23.04
N LEU A 270 -10.60 -0.85 -23.78
CA LEU A 270 -9.16 -0.76 -23.83
C LEU A 270 -8.62 -0.08 -25.08
N VAL A 271 -9.30 0.95 -25.60
CA VAL A 271 -8.76 1.73 -26.73
C VAL A 271 -7.54 2.47 -26.19
N LYS A 272 -6.33 1.99 -26.53
CA LYS A 272 -5.01 2.42 -26.09
C LYS A 272 -4.86 3.94 -25.92
N ASN A 273 -5.19 4.76 -26.95
CA ASN A 273 -5.16 6.22 -26.81
C ASN A 273 -6.56 6.67 -26.35
N TYR A 274 -6.67 7.29 -25.14
CA TYR A 274 -7.96 7.70 -24.56
C TYR A 274 -8.75 8.67 -25.41
N MET A 275 -8.08 9.44 -26.28
CA MET A 275 -8.73 10.41 -27.15
C MET A 275 -9.76 9.75 -28.04
N GLN A 276 -9.52 8.49 -28.45
CA GLN A 276 -10.45 7.72 -29.25
C GLN A 276 -11.17 6.61 -28.49
N ARG A 277 -11.10 6.60 -27.17
CA ARG A 277 -11.82 5.60 -26.35
C ARG A 277 -13.29 6.03 -26.24
N PRO A 278 -14.25 5.10 -26.40
CA PRO A 278 -15.67 5.48 -26.29
C PRO A 278 -16.07 6.13 -24.96
N SER A 279 -17.30 6.66 -24.86
CA SER A 279 -17.76 7.29 -23.61
C SER A 279 -18.44 6.23 -22.75
N THR A 280 -18.87 6.61 -21.54
CA THR A 280 -19.59 5.69 -20.68
C THR A 280 -20.99 5.40 -21.27
N GLU A 281 -21.59 6.42 -21.94
CA GLU A 281 -22.87 6.37 -22.61
C GLU A 281 -22.75 5.42 -23.83
N GLN A 282 -21.73 5.64 -24.69
CA GLN A 282 -21.44 4.81 -25.87
C GLN A 282 -21.14 3.35 -25.49
N LEU A 283 -20.52 3.13 -24.33
CA LEU A 283 -20.22 1.79 -23.88
C LEU A 283 -21.47 1.08 -23.37
N LEU A 284 -22.45 1.84 -22.85
CA LEU A 284 -23.72 1.27 -22.38
C LEU A 284 -24.58 0.77 -23.56
N LYS A 285 -24.48 1.47 -24.73
CA LYS A 285 -25.18 1.14 -26.00
C LYS A 285 -24.57 -0.04 -26.76
N HIS A 286 -23.32 -0.41 -26.45
CA HIS A 286 -22.59 -1.51 -27.09
C HIS A 286 -23.34 -2.85 -26.96
N PRO A 287 -23.50 -3.58 -28.07
CA PRO A 287 -24.22 -4.88 -28.04
C PRO A 287 -23.93 -5.88 -26.91
N PHE A 288 -22.73 -5.91 -26.32
CA PHE A 288 -22.45 -6.85 -25.22
C PHE A 288 -23.11 -6.35 -23.88
N ILE A 289 -23.38 -5.04 -23.79
CA ILE A 289 -23.99 -4.43 -22.64
C ILE A 289 -25.51 -4.31 -22.89
N ARG A 290 -25.88 -3.70 -24.04
CA ARG A 290 -27.26 -3.45 -24.46
C ARG A 290 -28.08 -4.71 -24.72
N ASP A 291 -27.63 -5.59 -25.63
CA ASP A 291 -28.35 -6.81 -25.94
C ASP A 291 -28.17 -7.83 -24.82
N GLN A 292 -29.00 -7.73 -23.78
CA GLN A 292 -28.98 -8.69 -22.69
C GLN A 292 -30.37 -9.34 -22.55
N PRO A 293 -30.52 -10.57 -23.05
CA PRO A 293 -31.82 -11.22 -23.01
C PRO A 293 -32.14 -11.86 -21.67
N ASN A 294 -31.13 -12.45 -21.02
CA ASN A 294 -31.31 -13.12 -19.74
C ASN A 294 -31.17 -12.16 -18.56
N GLU A 295 -31.40 -10.84 -18.76
CA GLU A 295 -31.27 -9.82 -17.72
C GLU A 295 -31.83 -10.24 -16.34
N ARG A 296 -33.09 -10.70 -16.32
CA ARG A 296 -33.74 -11.11 -15.08
C ARG A 296 -33.39 -12.53 -14.63
N GLN A 297 -32.86 -13.36 -15.53
CA GLN A 297 -32.52 -14.74 -15.20
C GLN A 297 -31.12 -14.93 -14.67
N VAL A 298 -30.13 -14.14 -15.15
CA VAL A 298 -28.73 -14.24 -14.71
C VAL A 298 -28.63 -14.03 -13.21
N ARG A 299 -29.34 -13.00 -12.72
CA ARG A 299 -29.43 -12.62 -11.31
C ARG A 299 -29.72 -13.80 -10.40
N ILE A 300 -30.51 -14.78 -10.89
CA ILE A 300 -30.94 -15.96 -10.16
C ILE A 300 -29.81 -16.97 -9.89
N GLN A 301 -28.89 -17.20 -10.86
CA GLN A 301 -27.75 -18.12 -10.67
C GLN A 301 -26.74 -17.58 -9.65
N LEU A 302 -26.59 -16.24 -9.60
CA LEU A 302 -25.68 -15.57 -8.66
C LEU A 302 -26.29 -15.66 -7.27
N LYS A 303 -27.60 -15.36 -7.15
CA LYS A 303 -28.37 -15.43 -5.90
C LYS A 303 -28.27 -16.81 -5.23
N ASP A 304 -28.10 -17.87 -6.04
CA ASP A 304 -27.94 -19.26 -5.59
C ASP A 304 -26.48 -19.54 -5.10
N HIS A 305 -25.49 -18.91 -5.75
CA HIS A 305 -24.07 -19.07 -5.43
C HIS A 305 -23.72 -18.48 -4.06
N ILE A 306 -24.34 -17.33 -3.71
CA ILE A 306 -24.12 -16.66 -2.41
C ILE A 306 -24.62 -17.55 -1.26
N ASP A 307 -25.75 -18.24 -1.48
CA ASP A 307 -26.38 -19.14 -0.52
C ASP A 307 -25.41 -20.16 0.07
N ARG A 308 -24.42 -20.62 -0.73
CA ARG A 308 -23.39 -21.57 -0.29
C ARG A 308 -22.63 -21.02 0.92
N THR A 309 -22.64 -21.78 2.03
CA THR A 309 -22.03 -21.39 3.30
C THR A 309 -21.17 -22.49 3.90
N SER B 16 14.18 -21.35 10.40
CA SER B 16 14.05 -21.86 9.03
C SER B 16 12.85 -22.80 8.84
N SER B 17 11.80 -22.59 9.64
CA SER B 17 10.55 -23.35 9.57
C SER B 17 9.34 -22.51 10.04
N LEU B 18 8.22 -22.63 9.30
CA LEU B 18 6.98 -21.92 9.59
C LEU B 18 6.23 -22.75 10.64
N ARG B 19 6.44 -22.46 11.93
CA ARG B 19 5.81 -23.25 13.00
C ARG B 19 4.68 -22.52 13.75
N ASP B 20 4.04 -23.17 14.74
CA ASP B 20 2.97 -22.58 15.53
C ASP B 20 3.59 -21.65 16.58
N PRO B 21 2.98 -20.47 16.81
CA PRO B 21 3.53 -19.53 17.81
C PRO B 21 3.39 -19.98 19.27
N ALA B 22 2.48 -20.95 19.53
CA ALA B 22 2.17 -21.49 20.84
C ALA B 22 3.38 -21.96 21.65
N GLY B 23 3.63 -21.28 22.77
CA GLY B 23 4.75 -21.64 23.65
C GLY B 23 6.05 -20.92 23.35
N ILE B 24 6.22 -20.46 22.10
CA ILE B 24 7.44 -19.76 21.71
C ILE B 24 7.23 -18.26 21.84
N PHE B 25 6.15 -17.74 21.24
CA PHE B 25 5.83 -16.33 21.31
C PHE B 25 4.35 -16.10 21.53
N GLU B 26 4.03 -15.00 22.20
CA GLU B 26 2.65 -14.64 22.48
C GLU B 26 2.44 -13.15 22.23
N LEU B 27 1.26 -12.75 21.73
CA LEU B 27 0.94 -11.35 21.51
C LEU B 27 0.41 -10.71 22.80
N VAL B 28 0.46 -9.39 22.90
CA VAL B 28 -0.07 -8.68 24.06
C VAL B 28 -1.54 -8.28 23.83
N GLU B 29 -1.82 -7.54 22.74
CA GLU B 29 -3.20 -7.13 22.46
C GLU B 29 -3.81 -7.84 21.25
N GLN B 38 1.07 -4.28 9.63
CA GLN B 38 0.75 -3.71 10.94
C GLN B 38 1.51 -4.43 12.05
N VAL B 39 2.16 -3.67 12.94
CA VAL B 39 2.97 -4.27 14.01
C VAL B 39 2.32 -4.12 15.38
N TYR B 40 2.30 -5.20 16.15
CA TYR B 40 1.71 -5.22 17.49
C TYR B 40 2.71 -5.80 18.50
N LYS B 41 2.70 -5.28 19.74
CA LYS B 41 3.59 -5.69 20.82
C LYS B 41 3.32 -7.11 21.33
N GLY B 42 4.37 -7.81 21.73
CA GLY B 42 4.25 -9.16 22.25
C GLY B 42 5.33 -9.52 23.24
N ARG B 43 5.48 -10.82 23.55
CA ARG B 43 6.48 -11.29 24.49
C ARG B 43 6.93 -12.71 24.19
N HIS B 44 8.15 -13.04 24.62
CA HIS B 44 8.74 -14.36 24.48
C HIS B 44 8.39 -15.14 25.73
N VAL B 45 7.54 -16.17 25.60
CA VAL B 45 7.19 -16.97 26.76
C VAL B 45 8.23 -18.07 26.96
N LYS B 46 9.10 -17.83 27.96
CA LYS B 46 10.24 -18.64 28.42
C LYS B 46 11.12 -17.72 29.30
N THR B 47 11.36 -16.49 28.83
CA THR B 47 12.15 -15.50 29.58
C THR B 47 11.36 -14.20 29.86
N GLY B 48 10.22 -14.03 29.21
CA GLY B 48 9.40 -12.82 29.32
C GLY B 48 9.93 -11.64 28.53
N GLN B 49 11.01 -11.87 27.74
CA GLN B 49 11.70 -10.88 26.92
C GLN B 49 10.77 -10.27 25.90
N LEU B 50 10.73 -8.94 25.81
CA LEU B 50 9.83 -8.23 24.90
C LEU B 50 10.05 -8.51 23.42
N ALA B 51 8.97 -8.40 22.65
CA ALA B 51 9.03 -8.66 21.23
C ALA B 51 8.11 -7.72 20.43
N ALA B 52 8.42 -7.57 19.13
CA ALA B 52 7.64 -6.82 18.17
C ALA B 52 7.14 -7.89 17.20
N ILE B 53 5.82 -8.01 17.04
CA ILE B 53 5.25 -9.03 16.15
C ILE B 53 4.47 -8.38 15.02
N LYS B 54 4.92 -8.56 13.78
CA LYS B 54 4.23 -8.04 12.60
C LYS B 54 3.11 -9.03 12.27
N VAL B 55 1.86 -8.54 12.13
CA VAL B 55 0.73 -9.43 11.86
C VAL B 55 0.11 -9.25 10.46
N MET B 56 -0.01 -10.36 9.71
CA MET B 56 -0.55 -10.39 8.34
C MET B 56 -1.68 -11.45 8.21
N ASP B 57 -2.46 -11.40 7.12
CA ASP B 57 -3.53 -12.38 6.88
C ASP B 57 -3.16 -13.13 5.62
N VAL B 58 -3.04 -14.46 5.71
CA VAL B 58 -2.61 -15.24 4.55
C VAL B 58 -3.58 -16.37 4.18
N THR B 59 -3.65 -16.67 2.88
CA THR B 59 -4.43 -17.78 2.33
C THR B 59 -3.56 -19.06 2.39
N GLU B 60 -4.10 -20.24 1.97
CA GLU B 60 -3.30 -21.47 1.94
C GLU B 60 -2.17 -21.35 0.89
N ASP B 61 -2.42 -20.60 -0.20
CA ASP B 61 -1.47 -20.35 -1.29
C ASP B 61 -0.35 -19.41 -0.81
N GLU B 62 -0.70 -18.38 -0.02
CA GLU B 62 0.26 -17.44 0.54
C GLU B 62 1.10 -18.08 1.63
N GLU B 63 0.51 -18.99 2.41
CA GLU B 63 1.21 -19.73 3.46
C GLU B 63 2.23 -20.70 2.82
N GLU B 64 1.90 -21.24 1.63
CA GLU B 64 2.74 -22.13 0.85
C GLU B 64 3.92 -21.35 0.25
N GLU B 65 3.65 -20.13 -0.23
CA GLU B 65 4.64 -19.24 -0.84
C GLU B 65 5.70 -18.80 0.20
N ILE B 66 5.27 -18.60 1.45
CA ILE B 66 6.16 -18.26 2.56
C ILE B 66 7.12 -19.41 2.86
N LYS B 67 6.63 -20.65 2.77
CA LYS B 67 7.47 -21.83 2.97
C LYS B 67 8.66 -21.88 2.01
N LEU B 68 8.44 -21.62 0.71
CA LEU B 68 9.54 -21.60 -0.26
C LEU B 68 10.48 -20.41 -0.01
N GLU B 69 9.92 -19.24 0.28
CA GLU B 69 10.72 -18.04 0.54
C GLU B 69 11.56 -18.14 1.82
N ILE B 70 11.12 -18.93 2.82
CA ILE B 70 11.89 -19.17 4.03
C ILE B 70 13.14 -20.02 3.70
N ASN B 71 13.01 -20.97 2.76
CA ASN B 71 14.14 -21.76 2.28
C ASN B 71 15.16 -20.88 1.53
N MET B 72 14.71 -19.75 0.95
CA MET B 72 15.60 -18.82 0.26
C MET B 72 16.28 -17.81 1.18
N LEU B 73 15.98 -17.84 2.49
CA LEU B 73 16.59 -16.92 3.44
C LEU B 73 18.10 -17.13 3.56
N LYS B 74 18.85 -16.02 3.61
CA LYS B 74 20.29 -16.06 3.78
C LYS B 74 20.61 -16.04 5.26
N LYS B 75 21.74 -16.63 5.62
CA LYS B 75 22.16 -16.65 7.02
C LYS B 75 23.15 -15.53 7.30
N TYR B 76 22.85 -14.71 8.31
CA TYR B 76 23.69 -13.63 8.81
C TYR B 76 23.57 -13.57 10.35
N SER B 77 24.67 -13.22 11.03
CA SER B 77 24.68 -13.16 12.49
C SER B 77 23.89 -11.98 13.11
N HIS B 78 23.71 -12.01 14.45
CA HIS B 78 23.10 -10.95 15.26
C HIS B 78 23.92 -9.66 15.08
N HIS B 79 23.32 -8.50 15.34
CA HIS B 79 24.04 -7.22 15.22
C HIS B 79 23.45 -6.18 16.14
N ARG B 80 24.30 -5.26 16.64
CA ARG B 80 23.82 -4.21 17.52
C ARG B 80 23.04 -3.12 16.77
N ASN B 81 23.32 -2.95 15.47
CA ASN B 81 22.66 -1.95 14.64
C ASN B 81 21.50 -2.54 13.82
N ILE B 82 21.11 -3.80 14.06
CA ILE B 82 20.01 -4.43 13.37
C ILE B 82 19.10 -5.10 14.38
N ALA B 83 17.81 -4.77 14.36
CA ALA B 83 16.82 -5.38 15.25
C ALA B 83 16.68 -6.84 14.83
N THR B 84 17.39 -7.72 15.54
CA THR B 84 17.48 -9.16 15.29
C THR B 84 16.16 -9.84 14.89
N TYR B 85 16.20 -10.51 13.74
CA TYR B 85 15.05 -11.23 13.21
C TYR B 85 14.94 -12.58 13.88
N TYR B 86 13.77 -12.83 14.49
CA TYR B 86 13.56 -14.11 15.14
C TYR B 86 12.99 -15.13 14.13
N GLY B 87 11.71 -15.04 13.75
CA GLY B 87 11.18 -15.95 12.75
C GLY B 87 9.73 -15.74 12.36
N ALA B 88 9.26 -16.59 11.43
CA ALA B 88 7.90 -16.61 10.90
C ALA B 88 7.07 -17.74 11.52
N PHE B 89 5.86 -17.39 11.98
CA PHE B 89 4.93 -18.34 12.58
C PHE B 89 3.54 -18.22 11.96
N ILE B 90 2.77 -19.31 11.95
CA ILE B 90 1.40 -19.27 11.46
C ILE B 90 0.43 -19.52 12.63
N LYS B 91 -0.27 -18.47 13.07
CA LYS B 91 -1.27 -18.62 14.13
C LYS B 91 -2.51 -19.19 13.46
N LYS B 92 -2.67 -20.52 13.55
CA LYS B 92 -3.80 -21.23 12.96
C LYS B 92 -5.10 -20.80 13.63
N SER B 93 -5.81 -19.85 12.98
CA SER B 93 -7.07 -19.28 13.45
C SER B 93 -7.46 -18.09 12.57
N PRO B 94 -8.76 -17.89 12.31
CA PRO B 94 -9.92 -18.69 12.75
C PRO B 94 -10.40 -19.71 11.70
N PRO B 95 -11.16 -20.75 12.10
CA PRO B 95 -11.67 -21.70 11.10
C PRO B 95 -12.71 -21.04 10.17
N GLY B 96 -12.45 -21.14 8.87
CA GLY B 96 -13.31 -20.55 7.85
C GLY B 96 -12.74 -19.29 7.22
N HIS B 97 -12.21 -18.39 8.07
CA HIS B 97 -11.60 -17.11 7.65
C HIS B 97 -10.10 -17.29 7.29
N ASP B 98 -9.41 -16.20 6.92
CA ASP B 98 -7.99 -16.24 6.59
C ASP B 98 -7.13 -16.38 7.83
N ASP B 99 -6.09 -17.23 7.76
CA ASP B 99 -5.15 -17.46 8.86
C ASP B 99 -4.23 -16.25 9.09
N GLN B 100 -3.49 -16.22 10.21
CA GLN B 100 -2.61 -15.09 10.53
C GLN B 100 -1.11 -15.41 10.50
N LEU B 101 -0.30 -14.64 9.74
CA LEU B 101 1.15 -14.83 9.71
C LEU B 101 1.80 -13.85 10.67
N TRP B 102 2.73 -14.33 11.51
CA TRP B 102 3.40 -13.50 12.49
C TRP B 102 4.89 -13.45 12.18
N LEU B 103 5.49 -12.25 12.22
CA LEU B 103 6.92 -12.09 12.00
C LEU B 103 7.51 -11.47 13.25
N VAL B 104 8.35 -12.23 13.98
CA VAL B 104 8.93 -11.74 15.22
C VAL B 104 10.31 -11.12 14.99
N MET B 105 10.57 -10.04 15.72
CA MET B 105 11.80 -9.27 15.65
C MET B 105 12.08 -8.67 17.05
N GLU B 106 13.34 -8.25 17.30
CA GLU B 106 13.75 -7.64 18.56
C GLU B 106 12.90 -6.38 18.85
N PHE B 107 12.54 -6.16 20.12
CA PHE B 107 11.72 -5.01 20.48
C PHE B 107 12.52 -3.73 20.65
N CYS B 108 12.06 -2.63 20.04
CA CYS B 108 12.69 -1.32 20.18
C CYS B 108 11.68 -0.34 20.76
N GLY B 109 11.98 0.20 21.92
CA GLY B 109 11.06 1.04 22.68
C GLY B 109 10.85 2.49 22.32
N ALA B 110 11.93 3.28 22.13
CA ALA B 110 11.80 4.72 21.86
C ALA B 110 11.21 5.10 20.47
N GLY B 111 10.74 4.12 19.71
CA GLY B 111 10.11 4.38 18.42
C GLY B 111 11.05 4.50 17.22
N SER B 112 10.57 5.17 16.16
CA SER B 112 11.30 5.37 14.90
C SER B 112 11.97 6.74 14.79
N ILE B 113 12.90 6.90 13.85
CA ILE B 113 13.54 8.18 13.57
C ILE B 113 12.50 9.20 13.09
N THR B 114 11.47 8.73 12.36
CA THR B 114 10.37 9.56 11.88
C THR B 114 9.64 10.17 13.07
N ASP B 115 9.36 9.34 14.08
CA ASP B 115 8.72 9.77 15.32
C ASP B 115 9.62 10.76 16.04
N LEU B 116 10.94 10.45 16.15
CA LEU B 116 11.93 11.33 16.76
C LEU B 116 11.90 12.74 16.14
N VAL B 117 11.87 12.83 14.81
CA VAL B 117 11.82 14.13 14.13
C VAL B 117 10.46 14.80 14.33
N LYS B 118 9.35 14.05 14.27
CA LYS B 118 8.02 14.63 14.48
C LYS B 118 7.90 15.22 15.88
N ASN B 119 8.45 14.53 16.87
CA ASN B 119 8.44 14.94 18.26
C ASN B 119 9.72 15.73 18.59
N THR B 120 10.10 16.64 17.68
CA THR B 120 11.25 17.52 17.81
C THR B 120 10.80 18.96 17.54
N LYS B 121 11.45 19.93 18.21
CA LYS B 121 11.15 21.36 18.15
C LYS B 121 10.83 21.87 16.72
N GLY B 122 11.84 22.09 15.88
CA GLY B 122 11.62 22.62 14.55
C GLY B 122 11.42 21.59 13.47
N ASN B 123 11.20 20.31 13.86
CA ASN B 123 11.08 19.16 12.95
C ASN B 123 12.32 19.07 12.07
N THR B 124 13.46 19.14 12.73
CA THR B 124 14.80 19.09 12.20
C THR B 124 15.70 18.59 13.33
N LEU B 125 16.77 17.88 12.98
CA LEU B 125 17.70 17.40 13.99
C LEU B 125 19.02 18.16 13.94
N LYS B 126 19.81 18.04 15.00
CA LYS B 126 21.12 18.67 15.05
C LYS B 126 22.03 17.91 14.08
N GLU B 127 22.91 18.61 13.37
CA GLU B 127 23.79 17.98 12.38
C GLU B 127 24.61 16.82 12.94
N ASP B 128 24.94 16.88 14.23
CA ASP B 128 25.70 15.86 14.97
C ASP B 128 24.87 14.64 15.27
N TRP B 129 23.55 14.81 15.44
CA TRP B 129 22.56 13.76 15.65
C TRP B 129 22.40 13.01 14.32
N ILE B 130 22.31 13.76 13.20
CA ILE B 130 22.16 13.20 11.86
C ILE B 130 23.40 12.39 11.52
N ALA B 131 24.60 12.93 11.77
CA ALA B 131 25.86 12.21 11.54
C ALA B 131 25.90 10.92 12.35
N TYR B 132 25.44 10.98 13.63
CA TYR B 132 25.44 9.82 14.52
C TYR B 132 24.48 8.76 14.00
N ILE B 133 23.24 9.12 13.68
CA ILE B 133 22.27 8.15 13.20
C ILE B 133 22.63 7.58 11.80
N SER B 134 23.22 8.39 10.92
CA SER B 134 23.61 7.93 9.60
C SER B 134 24.75 6.91 9.67
N ARG B 135 25.69 7.11 10.58
CA ARG B 135 26.77 6.13 10.77
C ARG B 135 26.22 4.83 11.34
N GLU B 136 25.26 4.91 12.26
CA GLU B 136 24.61 3.71 12.79
C GLU B 136 23.77 2.97 11.71
N ILE B 137 23.16 3.73 10.75
CA ILE B 137 22.43 3.14 9.62
C ILE B 137 23.45 2.44 8.75
N LEU B 138 24.52 3.14 8.33
CA LEU B 138 25.58 2.58 7.50
C LEU B 138 26.26 1.39 8.15
N ARG B 139 26.43 1.38 9.46
CA ARG B 139 27.08 0.27 10.17
C ARG B 139 26.28 -1.01 9.98
N GLY B 140 24.96 -0.94 10.20
CA GLY B 140 24.04 -2.05 10.03
C GLY B 140 23.85 -2.44 8.56
N LEU B 141 23.97 -1.45 7.66
CA LEU B 141 23.88 -1.70 6.22
C LEU B 141 25.08 -2.52 5.82
N ALA B 142 26.30 -2.08 6.22
CA ALA B 142 27.57 -2.77 5.95
C ALA B 142 27.48 -4.24 6.39
N HIS B 143 26.82 -4.48 7.54
CA HIS B 143 26.62 -5.84 8.01
C HIS B 143 25.82 -6.67 7.01
N LEU B 144 24.66 -6.16 6.54
CA LEU B 144 23.82 -6.80 5.56
C LEU B 144 24.51 -6.96 4.20
N HIS B 145 25.30 -5.97 3.77
CA HIS B 145 25.91 -6.01 2.45
C HIS B 145 27.03 -7.04 2.33
N ILE B 146 27.88 -7.25 3.40
CA ILE B 146 28.92 -8.32 3.34
C ILE B 146 28.27 -9.71 3.29
N HIS B 147 27.07 -9.87 3.83
CA HIS B 147 26.35 -11.13 3.82
C HIS B 147 25.39 -11.23 2.60
N HIS B 148 25.64 -10.41 1.57
CA HIS B 148 24.93 -10.33 0.30
C HIS B 148 23.43 -10.16 0.45
N VAL B 149 23.00 -9.31 1.41
CA VAL B 149 21.60 -8.98 1.67
C VAL B 149 21.36 -7.48 1.45
N ILE B 150 20.34 -7.14 0.64
CA ILE B 150 19.96 -5.75 0.39
C ILE B 150 18.79 -5.48 1.34
N HIS B 151 18.80 -4.31 2.01
CA HIS B 151 17.70 -3.98 2.92
C HIS B 151 16.41 -3.71 2.15
N ARG B 152 16.49 -2.86 1.13
CA ARG B 152 15.38 -2.53 0.23
C ARG B 152 14.42 -1.48 0.74
N ASP B 153 14.40 -1.15 2.03
CA ASP B 153 13.47 -0.17 2.56
C ASP B 153 14.06 0.67 3.69
N ILE B 154 15.20 1.33 3.42
CA ILE B 154 15.83 2.20 4.40
C ILE B 154 15.12 3.53 4.31
N LYS B 155 14.49 3.95 5.39
CA LYS B 155 13.79 5.22 5.56
C LYS B 155 13.68 5.51 7.07
N GLY B 156 13.34 6.72 7.46
CA GLY B 156 13.19 7.08 8.86
C GLY B 156 12.28 6.17 9.67
N GLN B 157 11.18 5.67 9.06
CA GLN B 157 10.19 4.78 9.70
C GLN B 157 10.72 3.38 10.00
N ASN B 158 11.85 2.99 9.39
CA ASN B 158 12.42 1.66 9.55
C ASN B 158 13.76 1.67 10.26
N VAL B 159 14.04 2.72 11.02
CA VAL B 159 15.23 2.84 11.83
C VAL B 159 14.66 3.11 13.20
N LEU B 160 14.88 2.19 14.15
CA LEU B 160 14.30 2.31 15.49
C LEU B 160 15.30 2.57 16.60
N LEU B 161 14.83 3.18 17.70
CA LEU B 161 15.61 3.50 18.90
C LEU B 161 15.20 2.60 20.07
N THR B 162 16.16 1.94 20.74
CA THR B 162 15.85 1.10 21.90
C THR B 162 15.62 1.97 23.17
N GLU B 163 15.34 1.35 24.36
CA GLU B 163 15.18 2.03 25.67
C GLU B 163 16.32 3.07 25.85
N ASN B 164 17.56 2.67 25.52
CA ASN B 164 18.76 3.51 25.50
C ASN B 164 18.94 4.15 24.08
N ALA B 165 20.04 4.92 23.85
CA ALA B 165 20.25 5.51 22.52
C ALA B 165 20.83 4.53 21.47
N GLU B 166 20.23 3.34 21.33
CA GLU B 166 20.69 2.37 20.33
C GLU B 166 19.92 2.54 19.01
N VAL B 167 20.64 2.57 17.90
CA VAL B 167 20.04 2.74 16.58
C VAL B 167 20.03 1.39 15.86
N LYS B 168 18.82 0.88 15.51
CA LYS B 168 18.63 -0.44 14.89
C LYS B 168 17.77 -0.45 13.62
N LEU B 169 18.22 -1.13 12.57
CA LEU B 169 17.49 -1.28 11.32
C LEU B 169 16.34 -2.29 11.46
N VAL B 170 15.14 -1.97 10.98
CA VAL B 170 14.01 -2.90 11.01
C VAL B 170 14.29 -4.14 10.14
N ASP B 171 14.06 -5.34 10.70
CA ASP B 171 14.32 -6.58 9.98
C ASP B 171 13.27 -7.66 10.32
N PHE B 172 12.38 -7.98 9.35
CA PHE B 172 11.35 -9.02 9.44
C PHE B 172 11.59 -10.02 8.30
N GLY B 173 12.83 -10.46 8.16
CA GLY B 173 13.21 -11.41 7.14
C GLY B 173 13.51 -10.69 5.86
N VAL B 174 14.36 -9.64 5.94
CA VAL B 174 14.69 -8.79 4.80
C VAL B 174 15.45 -9.52 3.69
N SER B 175 16.03 -10.69 3.99
CA SER B 175 16.76 -11.45 2.99
C SER B 175 15.85 -11.97 1.90
N ALA B 176 14.63 -12.35 2.27
CA ALA B 176 13.64 -12.79 1.31
C ALA B 176 12.37 -11.90 1.30
N GLN B 177 12.41 -10.73 1.97
CA GLN B 177 11.35 -9.72 2.03
C GLN B 177 10.03 -10.31 2.48
N LEU B 178 10.05 -11.13 3.53
CA LEU B 178 8.87 -11.86 3.99
C LEU B 178 7.67 -10.98 4.33
N ASP B 179 7.93 -9.74 4.72
CA ASP B 179 6.87 -8.80 5.07
C ASP B 179 6.29 -8.05 3.87
N ARG B 180 6.81 -8.28 2.66
CA ARG B 180 6.35 -7.58 1.46
C ARG B 180 5.78 -8.46 0.37
N THR B 181 6.13 -9.75 0.37
CA THR B 181 5.72 -10.69 -0.68
C THR B 181 4.30 -11.25 -0.58
N VAL B 182 3.75 -11.24 0.63
CA VAL B 182 2.39 -11.76 0.84
C VAL B 182 1.47 -10.68 1.44
N GLY B 183 0.18 -10.96 1.56
CA GLY B 183 -0.79 -9.99 2.07
C GLY B 183 -1.39 -9.17 0.94
N ARG B 184 -2.52 -8.49 1.20
CA ARG B 184 -3.21 -7.68 0.17
C ARG B 184 -2.40 -6.49 -0.33
N ARG B 185 -1.46 -6.00 0.48
CA ARG B 185 -0.62 -4.87 0.08
C ARG B 185 0.71 -5.30 -0.58
N ASN B 186 0.86 -6.58 -0.96
CA ASN B 186 2.08 -7.04 -1.61
C ASN B 186 2.21 -6.52 -3.06
N THR B 187 1.09 -6.53 -3.83
CA THR B 187 0.98 -6.05 -5.22
C THR B 187 1.08 -4.52 -5.38
N PHE B 188 1.05 -3.81 -4.26
CA PHE B 188 1.09 -2.38 -4.16
C PHE B 188 2.48 -1.91 -4.47
N ILE B 189 2.62 -0.86 -5.29
CA ILE B 189 3.88 -0.26 -5.65
C ILE B 189 4.55 0.41 -4.42
N GLY B 190 3.76 0.95 -3.50
CA GLY B 190 4.31 1.53 -2.28
C GLY B 190 4.64 3.00 -2.30
N THR B 191 5.41 3.44 -1.30
CA THR B 191 5.81 4.84 -1.21
C THR B 191 7.13 5.03 -2.01
N PRO B 192 7.16 6.06 -2.88
CA PRO B 192 8.32 6.21 -3.78
C PRO B 192 9.44 7.12 -3.33
N TYR B 193 9.20 7.95 -2.34
CA TYR B 193 10.08 9.03 -1.95
C TYR B 193 11.50 8.64 -1.55
N TRP B 194 11.74 7.43 -1.09
CA TRP B 194 13.09 6.98 -0.72
C TRP B 194 13.69 6.02 -1.73
N MET B 195 12.97 5.70 -2.84
CA MET B 195 13.42 4.80 -3.88
C MET B 195 14.58 5.42 -4.66
N ALA B 196 15.66 4.66 -4.86
CA ALA B 196 16.79 5.12 -5.65
C ALA B 196 16.38 5.11 -7.13
N PRO B 197 17.04 5.90 -7.99
CA PRO B 197 16.65 5.92 -9.41
C PRO B 197 16.53 4.58 -10.12
N GLU B 198 17.44 3.63 -9.81
CA GLU B 198 17.53 2.33 -10.45
C GLU B 198 16.38 1.37 -10.12
N VAL B 199 15.80 1.46 -8.93
CA VAL B 199 14.66 0.62 -8.56
C VAL B 199 13.37 1.03 -9.30
N ILE B 200 13.31 2.20 -9.93
CA ILE B 200 12.13 2.70 -10.60
C ILE B 200 12.24 2.45 -12.08
N ALA B 201 11.32 1.62 -12.62
CA ALA B 201 11.34 1.34 -14.06
C ALA B 201 10.79 2.57 -14.78
N CYS B 202 11.54 3.00 -15.80
CA CYS B 202 11.25 4.16 -16.64
C CYS B 202 11.91 3.96 -18.02
N ASP B 203 11.70 4.87 -18.99
CA ASP B 203 12.36 4.77 -20.30
C ASP B 203 13.87 4.93 -20.04
N GLU B 204 14.67 3.97 -20.56
CA GLU B 204 16.13 3.86 -20.33
C GLU B 204 16.48 3.00 -19.06
N ASN B 205 15.46 2.62 -18.28
CA ASN B 205 15.62 1.74 -17.13
C ASN B 205 14.43 0.77 -17.14
N PRO B 206 14.42 -0.23 -18.05
CA PRO B 206 13.27 -1.15 -18.13
C PRO B 206 13.29 -2.29 -17.10
N ASP B 207 14.48 -2.56 -16.53
CA ASP B 207 14.61 -3.59 -15.52
C ASP B 207 15.02 -2.93 -14.20
N ALA B 208 14.08 -2.91 -13.24
CA ALA B 208 14.22 -2.30 -11.92
C ALA B 208 15.20 -3.09 -11.07
N THR B 209 16.46 -2.67 -11.15
CA THR B 209 17.62 -3.26 -10.50
C THR B 209 17.78 -2.83 -9.02
N TYR B 210 17.40 -3.70 -8.05
CA TYR B 210 17.72 -3.40 -6.65
C TYR B 210 19.19 -3.81 -6.50
N ASP B 211 20.07 -2.84 -6.21
CA ASP B 211 21.51 -3.08 -5.96
C ASP B 211 21.77 -2.79 -4.49
N TYR B 212 22.91 -3.25 -3.94
CA TYR B 212 23.21 -2.95 -2.53
C TYR B 212 23.35 -1.41 -2.34
N ARG B 213 23.93 -0.74 -3.36
CA ARG B 213 24.10 0.70 -3.43
C ARG B 213 22.77 1.49 -3.43
N SER B 214 21.63 0.81 -3.65
CA SER B 214 20.30 1.39 -3.59
C SER B 214 19.94 1.78 -2.17
N ASP B 215 20.42 1.03 -1.17
CA ASP B 215 20.21 1.35 0.25
C ASP B 215 21.02 2.63 0.63
N LEU B 216 22.11 2.91 -0.09
CA LEU B 216 22.95 4.06 0.17
C LEU B 216 22.28 5.33 -0.32
N TRP B 217 21.52 5.28 -1.43
CA TRP B 217 20.71 6.41 -1.93
C TRP B 217 19.63 6.67 -0.87
N SER B 218 18.94 5.60 -0.42
CA SER B 218 17.90 5.65 0.60
C SER B 218 18.42 6.27 1.92
N CYS B 219 19.72 6.07 2.23
CA CYS B 219 20.37 6.61 3.44
C CYS B 219 20.60 8.12 3.30
N GLY B 220 20.97 8.57 2.10
CA GLY B 220 21.12 10.00 1.85
C GLY B 220 19.78 10.71 1.88
N ILE B 221 18.68 10.03 1.46
CA ILE B 221 17.31 10.55 1.50
C ILE B 221 16.80 10.60 2.96
N THR B 222 17.22 9.60 3.77
CA THR B 222 16.86 9.52 5.19
C THR B 222 17.53 10.67 5.96
N ALA B 223 18.79 11.00 5.59
CA ALA B 223 19.56 12.10 6.17
C ALA B 223 18.84 13.40 5.89
N ILE B 224 18.36 13.63 4.63
CA ILE B 224 17.54 14.81 4.31
C ILE B 224 16.26 14.83 5.20
N GLU B 225 15.56 13.70 5.34
CA GLU B 225 14.39 13.54 6.18
C GLU B 225 14.68 13.95 7.65
N MET B 226 15.89 13.69 8.14
CA MET B 226 16.30 14.06 9.49
C MET B 226 16.54 15.57 9.61
N ALA B 227 17.12 16.14 8.55
CA ALA B 227 17.41 17.55 8.49
C ALA B 227 16.18 18.45 8.22
N GLU B 228 15.18 17.94 7.48
CA GLU B 228 14.02 18.72 7.04
C GLU B 228 12.64 18.24 7.50
N GLY B 229 12.58 17.09 8.19
CA GLY B 229 11.33 16.50 8.67
C GLY B 229 10.61 15.56 7.72
N ALA B 230 10.86 15.75 6.40
CA ALA B 230 10.25 14.98 5.32
C ALA B 230 11.26 14.79 4.19
N PRO B 231 11.14 13.70 3.40
CA PRO B 231 12.07 13.49 2.29
C PRO B 231 11.80 14.43 1.11
N PRO B 232 12.75 14.59 0.17
CA PRO B 232 12.49 15.46 -0.98
C PRO B 232 11.21 15.13 -1.74
N LEU B 233 10.67 16.09 -2.49
CA LEU B 233 9.48 15.88 -3.32
C LEU B 233 8.22 15.47 -2.54
N CYS B 234 8.21 15.58 -1.20
CA CYS B 234 7.05 15.18 -0.38
C CYS B 234 5.74 15.91 -0.76
N ASP B 235 5.88 17.08 -1.40
CA ASP B 235 4.76 17.91 -1.83
C ASP B 235 4.07 17.43 -3.14
N MET B 236 4.60 16.39 -3.78
CA MET B 236 4.04 15.83 -5.01
C MET B 236 3.07 14.69 -4.69
N HIS B 237 2.20 14.32 -5.67
CA HIS B 237 1.39 13.11 -5.51
C HIS B 237 2.39 11.95 -5.72
N PRO B 238 2.27 10.85 -4.99
CA PRO B 238 3.27 9.77 -5.10
C PRO B 238 3.64 9.33 -6.52
N MET B 239 2.71 9.39 -7.50
CA MET B 239 2.96 9.01 -8.89
C MET B 239 3.85 10.03 -9.66
N ARG B 240 3.69 11.33 -9.38
CA ARG B 240 4.50 12.39 -9.98
C ARG B 240 5.94 12.34 -9.38
N ALA B 241 6.05 12.01 -8.08
CA ALA B 241 7.35 11.87 -7.44
C ALA B 241 8.09 10.68 -8.06
N LEU B 242 7.41 9.56 -8.29
CA LEU B 242 7.97 8.34 -8.89
C LEU B 242 8.54 8.61 -10.31
N PHE B 243 7.83 9.41 -11.11
CA PHE B 243 8.23 9.84 -12.44
C PHE B 243 9.48 10.74 -12.37
N LEU B 244 9.53 11.66 -11.41
CA LEU B 244 10.63 12.63 -11.23
C LEU B 244 11.90 12.07 -10.62
N ILE B 245 11.84 11.10 -9.69
CA ILE B 245 13.06 10.58 -9.04
C ILE B 245 14.13 10.13 -10.07
N PRO B 246 13.77 9.45 -11.19
CA PRO B 246 14.83 9.07 -12.17
C PRO B 246 15.25 10.20 -13.11
N ARG B 247 14.46 11.27 -13.22
CA ARG B 247 14.74 12.35 -14.18
C ARG B 247 15.40 13.59 -13.57
N ASN B 248 14.90 14.05 -12.43
CA ASN B 248 15.44 15.19 -11.71
C ASN B 248 16.90 14.98 -11.36
N PRO B 249 17.71 16.06 -11.29
CA PRO B 249 19.10 15.88 -10.79
C PRO B 249 19.01 15.49 -9.31
N PRO B 250 20.09 14.97 -8.69
CA PRO B 250 20.00 14.54 -7.30
C PRO B 250 19.43 15.58 -6.33
N PRO B 251 18.54 15.16 -5.42
CA PRO B 251 18.00 16.09 -4.44
C PRO B 251 19.07 16.79 -3.62
N ARG B 252 18.76 18.00 -3.18
CA ARG B 252 19.67 18.81 -2.39
C ARG B 252 19.01 19.28 -1.08
N LEU B 253 19.84 19.68 -0.11
CA LEU B 253 19.33 20.24 1.14
C LEU B 253 18.85 21.64 0.79
N LYS B 254 17.67 22.03 1.28
CA LYS B 254 17.11 23.34 0.99
C LYS B 254 17.93 24.44 1.68
N SER B 255 18.25 24.24 2.96
CA SER B 255 18.99 25.26 3.72
C SER B 255 20.46 25.32 3.36
N LYS B 256 21.04 26.52 3.52
CA LYS B 256 22.47 26.67 3.29
C LYS B 256 23.27 26.75 4.61
N LYS B 257 22.59 26.62 5.78
CA LYS B 257 23.20 26.62 7.11
C LYS B 257 24.22 25.49 7.34
N TRP B 258 23.89 24.26 6.88
CA TRP B 258 24.66 23.02 7.03
C TRP B 258 26.09 23.14 6.59
N SER B 259 26.97 22.32 7.17
CA SER B 259 28.39 22.35 6.86
C SER B 259 28.71 21.78 5.49
N LYS B 260 29.94 22.04 5.03
CA LYS B 260 30.47 21.47 3.81
C LYS B 260 30.51 19.92 3.92
N LYS B 261 30.69 19.37 5.13
CA LYS B 261 30.72 17.93 5.30
C LYS B 261 29.37 17.29 5.09
N PHE B 262 28.29 17.98 5.45
CA PHE B 262 26.94 17.47 5.28
C PHE B 262 26.56 17.47 3.81
N PHE B 263 26.80 18.58 3.11
CA PHE B 263 26.53 18.66 1.67
C PHE B 263 27.31 17.63 0.89
N SER B 264 28.56 17.40 1.30
CA SER B 264 29.41 16.42 0.66
C SER B 264 28.88 15.02 0.88
N PHE B 265 28.39 14.72 2.08
CA PHE B 265 27.88 13.39 2.37
C PHE B 265 26.62 13.09 1.51
N ILE B 266 25.66 14.04 1.45
CA ILE B 266 24.43 13.93 0.69
C ILE B 266 24.77 13.76 -0.80
N GLU B 267 25.77 14.52 -1.29
CA GLU B 267 26.27 14.45 -2.67
C GLU B 267 26.95 13.09 -2.96
N GLY B 268 27.55 12.49 -1.94
CA GLY B 268 28.17 11.18 -2.05
C GLY B 268 27.13 10.08 -2.10
N CYS B 269 26.03 10.22 -1.37
CA CYS B 269 24.98 9.18 -1.33
C CYS B 269 24.16 9.29 -2.58
N LEU B 270 23.74 10.51 -2.92
CA LEU B 270 22.82 10.77 -4.00
C LEU B 270 23.47 10.93 -5.34
N VAL B 271 24.34 9.99 -5.67
CA VAL B 271 24.88 9.88 -7.03
C VAL B 271 23.75 9.26 -7.85
N LYS B 272 23.40 9.88 -9.00
CA LYS B 272 22.28 9.42 -9.81
C LYS B 272 22.45 8.00 -10.30
N ASN B 273 23.64 7.69 -10.90
CA ASN B 273 23.96 6.39 -11.47
C ASN B 273 24.60 5.55 -10.40
N TYR B 274 23.92 4.46 -9.99
CA TYR B 274 24.43 3.55 -8.96
C TYR B 274 25.79 2.97 -9.28
N MET B 275 26.13 2.82 -10.56
CA MET B 275 27.45 2.32 -10.98
C MET B 275 28.60 3.23 -10.53
N GLN B 276 28.27 4.49 -10.23
CA GLN B 276 29.21 5.52 -9.82
C GLN B 276 28.97 6.02 -8.39
N ARG B 277 28.09 5.36 -7.64
CA ARG B 277 27.77 5.66 -6.26
C ARG B 277 28.75 4.87 -5.39
N PRO B 278 29.17 5.39 -4.22
CA PRO B 278 30.13 4.62 -3.40
C PRO B 278 29.49 3.45 -2.66
N SER B 279 30.33 2.60 -2.06
CA SER B 279 29.86 1.45 -1.29
C SER B 279 29.61 1.90 0.16
N THR B 280 29.06 1.01 1.02
CA THR B 280 28.88 1.37 2.43
C THR B 280 30.24 1.64 3.08
N GLU B 281 31.24 0.82 2.74
CA GLU B 281 32.58 0.94 3.24
C GLU B 281 33.19 2.32 2.95
N GLN B 282 33.05 2.83 1.71
CA GLN B 282 33.58 4.14 1.37
C GLN B 282 32.85 5.25 2.15
N LEU B 283 31.52 5.15 2.28
CA LEU B 283 30.72 6.15 3.00
C LEU B 283 31.00 6.15 4.50
N LEU B 284 31.42 5.00 5.04
CA LEU B 284 31.80 4.90 6.43
C LEU B 284 33.12 5.64 6.73
N LYS B 285 33.96 5.86 5.71
CA LYS B 285 35.18 6.65 5.82
C LYS B 285 34.95 8.12 5.37
N HIS B 286 33.68 8.57 5.14
CA HIS B 286 33.43 9.98 4.76
C HIS B 286 33.61 10.85 5.99
N PRO B 287 34.31 12.01 5.92
CA PRO B 287 34.50 12.84 7.15
C PRO B 287 33.26 13.19 7.97
N PHE B 288 32.10 13.36 7.32
CA PHE B 288 30.86 13.64 8.03
C PHE B 288 30.43 12.45 8.90
N ILE B 289 30.75 11.23 8.48
CA ILE B 289 30.38 10.03 9.22
C ILE B 289 31.53 9.62 10.13
N ARG B 290 32.76 9.67 9.62
CA ARG B 290 34.01 9.34 10.31
C ARG B 290 34.36 10.27 11.49
N ASP B 291 34.30 11.58 11.29
CA ASP B 291 34.72 12.55 12.31
C ASP B 291 33.60 13.03 13.22
N GLN B 292 33.35 12.30 14.30
CA GLN B 292 32.32 12.68 15.25
C GLN B 292 32.94 12.82 16.65
N PRO B 293 33.58 13.97 16.96
CA PRO B 293 34.21 14.11 18.29
C PRO B 293 33.22 14.05 19.44
N ASN B 294 32.02 14.62 19.25
CA ASN B 294 31.01 14.65 20.30
C ASN B 294 30.09 13.43 20.30
N GLU B 295 30.62 12.29 19.85
CA GLU B 295 29.92 11.02 19.75
C GLU B 295 29.23 10.59 21.05
N ARG B 296 29.95 10.66 22.18
CA ARG B 296 29.42 10.25 23.49
C ARG B 296 28.44 11.26 24.09
N GLN B 297 28.63 12.55 23.77
CA GLN B 297 27.73 13.59 24.25
C GLN B 297 26.39 13.51 23.50
N VAL B 298 26.45 13.29 22.18
CA VAL B 298 25.27 13.15 21.31
C VAL B 298 24.46 11.91 21.74
N ARG B 299 25.16 10.82 22.08
CA ARG B 299 24.53 9.59 22.56
C ARG B 299 23.81 9.81 23.91
N ILE B 300 24.25 10.81 24.71
CA ILE B 300 23.61 11.13 25.97
C ILE B 300 22.33 11.94 25.72
N GLN B 301 22.41 13.08 25.02
CA GLN B 301 21.23 13.92 24.77
C GLN B 301 20.14 13.22 23.96
N LEU B 302 20.46 12.08 23.31
CA LEU B 302 19.49 11.28 22.58
C LEU B 302 18.66 10.51 23.61
N LYS B 303 19.33 9.84 24.56
CA LYS B 303 18.71 9.09 25.67
C LYS B 303 17.94 10.04 26.58
N ASP B 304 18.45 11.28 26.78
CA ASP B 304 17.77 12.29 27.57
C ASP B 304 16.47 12.73 26.88
N HIS B 305 16.46 12.79 25.54
CA HIS B 305 15.27 13.12 24.73
C HIS B 305 14.24 11.99 24.83
N ILE B 306 14.72 10.73 24.81
CA ILE B 306 13.89 9.53 24.94
C ILE B 306 13.16 9.56 26.29
N ASP B 307 13.91 9.87 27.37
CA ASP B 307 13.42 9.97 28.74
C ASP B 307 12.27 10.98 28.86
N ARG B 308 12.46 12.19 28.34
CA ARG B 308 11.44 13.24 28.39
C ARG B 308 10.17 12.83 27.64
N THR B 309 10.34 12.17 26.49
CA THR B 309 9.24 11.72 25.65
C THR B 309 8.39 10.66 26.35
N ARG B 310 9.03 9.79 27.14
CA ARG B 310 8.34 8.73 27.89
C ARG B 310 7.27 9.27 28.86
N LYS B 311 7.41 10.54 29.30
CA LYS B 311 6.43 11.17 30.18
C LYS B 311 5.17 11.55 29.39
C4 A1AAA C . -16.44 -1.76 1.83
C2 A1AAA C . -17.70 -3.85 2.13
C8 A1AAA C . -20.01 -2.54 1.61
C12 A1AAA C . -15.21 1.79 1.65
C15 A1AAA C . -17.02 -8.82 2.19
C11 A1AAA C . -13.30 1.22 0.92
C3 A1AAA C . -17.64 -2.47 1.87
C7 A1AAA C . -18.84 -1.77 1.60
C14 A1AAA C . -18.22 -8.21 2.48
C5 A1AAA C . -16.47 -0.41 1.51
C9 A1AAA C . -15.32 0.44 1.38
C1 A1AAA C . -18.92 -4.53 2.13
C6 A1AAA C . -18.78 -0.41 1.33
C10 A1AAA C . -18.02 -6.84 2.20
C16 A1AAA C . -19.41 -8.89 2.98
C17 A1AAA C . -14.81 -8.01 1.35
C13 A1AAA C . -13.64 -1.20 0.44
N6 A1AAA C . -13.95 2.26 1.37
N4 A1AAA C . -20.08 -3.87 1.87
N2 A1AAA C . -17.61 0.26 1.27
N8 A1AAA C . -16.78 -6.62 1.75
N7 A1AAA C . -16.19 -7.83 1.77
N5 A1AAA C . -14.08 0.10 0.90
N3 A1AAA C . -19.95 0.31 1.06
N1 A1AAA C . -19.00 -5.91 2.38
H3 A1AAA C . -15.49 -2.27 2.00
H2 A1AAA C . -16.78 -4.38 2.32
H6 A1AAA C . -20.97 -2.08 1.42
H8 A1AAA C . -15.98 2.43 2.04
H12 A1AAA C . -16.69 -9.85 2.25
H7 A1AAA C . -12.27 1.20 0.59
H15 A1AAA C . -20.27 -8.68 2.34
H14 A1AAA C . -19.64 -8.56 4.00
H13 A1AAA C . -19.25 -9.98 3.00
H16 A1AAA C . -14.53 -7.14 0.74
H18 A1AAA C . -14.76 -8.92 0.76
H17 A1AAA C . -14.19 -8.08 2.24
H11 A1AAA C . -12.70 -1.07 -0.11
H10 A1AAA C . -14.41 -1.61 -0.21
H9 A1AAA C . -13.49 -1.84 1.31
H5 A1AAA C . -19.88 1.25 1.44
H4 A1AAA C . -20.10 0.38 0.05
H1 A1AAA C . -19.68 -6.08 3.12
#